data_4A9C
#
_entry.id   4A9C
#
_cell.length_a   45.246
_cell.length_b   61.520
_cell.length_c   114.742
_cell.angle_alpha   90.00
_cell.angle_beta   91.94
_cell.angle_gamma   90.00
#
_symmetry.space_group_name_H-M   'P 1 21 1'
#
loop_
_entity.id
_entity.type
_entity.pdbx_description
1 polymer 'PHOSPHATIDYLINOSITOL-3,4,5-TRISPHOSPHATE 5-PHOSPHATASE 2'
2 non-polymer "BIPHENYL 2,3',4,5',6-PENTAKISPHOSPHATE"
3 water water
#
_entity_poly.entity_id   1
_entity_poly.type   'polypeptide(L)'
_entity_poly.pdbx_seq_one_letter_code
;SMDEPDMISVFIGTWNMGSVPPPKNVTSWFTSKGLGKTLDEVTVTIPHDIYVFGTQENSVGDREWLDLLRGGLKELTDLD
YRPIAMQSLWNIKVAVLVKPEHENRISHVSTSSVKTGIANTLGNKGAVGVSFMFNGTSFGFVNCHLTSGNEKTARRNQNY
LDILRLLSLGDRQLNAFDISLRFTHLFWFGDLNYRLDMDIQEILNYISRKEFEPLLRVDQLNLEREKHKVFLRFSEEEIS
FPPTYRYERGSRDTYAWHKQKPTGVRTNVPSWCDRILWKSYPETHIICNSYGCTDDIVTSDHSPVFGTFEVGVTSQ
;
_entity_poly.pdbx_strand_id   A,B
#
loop_
_chem_comp.id
_chem_comp.type
_chem_comp.name
_chem_comp.formula
B5F non-polymer 'BIPHENYL 2,3',4,5',6-PENTAKISPHOSPHATE' 'C12 H15 O20 P5'
#
# COMPACT_ATOMS: atom_id res chain seq x y z
N ASP A 6 -12.53 39.28 6.50
CA ASP A 6 -12.14 38.85 7.85
C ASP A 6 -10.86 38.01 7.83
N MET A 7 -10.07 38.07 8.91
CA MET A 7 -8.81 37.34 9.04
C MET A 7 -8.84 36.36 10.21
N ILE A 8 -8.30 35.14 9.99
CA ILE A 8 -8.21 34.09 11.01
C ILE A 8 -6.77 33.55 11.07
N SER A 9 -6.32 33.18 12.28
CA SER A 9 -4.99 32.63 12.50
C SER A 9 -5.08 31.10 12.56
N VAL A 10 -4.37 30.41 11.64
CA VAL A 10 -4.39 28.95 11.57
C VAL A 10 -3.01 28.41 11.94
N PHE A 11 -2.97 27.53 12.95
CA PHE A 11 -1.75 26.87 13.41
C PHE A 11 -1.71 25.45 12.84
N ILE A 12 -0.53 25.05 12.35
CA ILE A 12 -0.28 23.70 11.84
C ILE A 12 0.98 23.18 12.52
N GLY A 13 0.83 22.05 13.20
CA GLY A 13 1.92 21.38 13.89
C GLY A 13 2.14 20.00 13.33
N THR A 14 3.40 19.66 13.04
CA THR A 14 3.75 18.33 12.56
C THR A 14 4.88 17.78 13.41
N TRP A 15 4.68 16.57 13.97
CA TRP A 15 5.69 15.98 14.83
C TRP A 15 5.67 14.45 14.80
N ASN A 16 6.80 13.86 14.42
CA ASN A 16 6.98 12.40 14.48
C ASN A 16 7.45 12.14 15.91
N MET A 17 6.59 11.53 16.71
CA MET A 17 6.81 11.31 18.14
C MET A 17 7.76 10.15 18.48
N GLY A 18 8.14 9.36 17.48
CA GLY A 18 9.08 8.25 17.62
C GLY A 18 8.65 7.12 18.55
N SER A 19 7.35 6.77 18.52
CA SER A 19 6.70 5.68 19.27
C SER A 19 6.81 5.83 20.82
N VAL A 20 6.95 7.07 21.33
CA VAL A 20 7.03 7.34 22.77
C VAL A 20 6.03 8.47 23.16
N PRO A 21 5.49 8.50 24.41
CA PRO A 21 4.55 9.59 24.78
C PRO A 21 5.21 10.98 24.78
N PRO A 22 4.44 12.09 24.69
CA PRO A 22 5.08 13.41 24.68
C PRO A 22 5.47 13.89 26.07
N PRO A 23 6.38 14.89 26.23
CA PRO A 23 6.68 15.38 27.59
C PRO A 23 5.53 16.26 28.10
N LYS A 24 5.52 16.58 29.41
CA LYS A 24 4.48 17.42 30.02
C LYS A 24 4.47 18.83 29.42
N ASN A 25 5.67 19.34 29.06
CA ASN A 25 5.86 20.67 28.48
C ASN A 25 6.08 20.58 26.95
N VAL A 26 5.07 21.02 26.17
CA VAL A 26 5.08 21.09 24.70
C VAL A 26 4.58 22.48 24.27
N THR A 27 4.66 23.46 25.20
CA THR A 27 4.26 24.87 25.06
C THR A 27 4.95 25.53 23.85
N SER A 28 6.26 25.28 23.66
CA SER A 28 7.06 25.84 22.57
C SER A 28 6.53 25.45 21.19
N TRP A 29 5.95 24.24 21.06
CA TRP A 29 5.36 23.74 19.81
C TRP A 29 4.12 24.56 19.47
N PHE A 30 3.20 24.74 20.44
CA PHE A 30 1.96 25.52 20.29
C PHE A 30 2.21 27.01 20.01
N THR A 31 3.28 27.57 20.61
CA THR A 31 3.60 29.01 20.55
C THR A 31 4.67 29.38 19.52
N SER A 32 5.02 28.45 18.61
CA SER A 32 6.02 28.67 17.56
C SER A 32 7.36 29.20 18.14
N LYS A 33 7.84 28.56 19.22
CA LYS A 33 9.09 28.93 19.90
C LYS A 33 10.18 27.89 19.58
N GLY A 34 11.37 28.38 19.27
CA GLY A 34 12.51 27.53 18.96
C GLY A 34 13.47 28.11 17.95
N LEU A 35 13.60 27.43 16.79
CA LEU A 35 14.53 27.84 15.73
C LEU A 35 13.79 28.06 14.40
N GLY A 36 14.36 28.91 13.55
CA GLY A 36 13.80 29.26 12.25
C GLY A 36 12.99 30.54 12.29
N LYS A 37 11.85 30.56 11.57
CA LYS A 37 10.95 31.71 11.58
C LYS A 37 9.98 31.50 12.74
N THR A 38 10.27 32.15 13.86
CA THR A 38 9.51 32.02 15.10
C THR A 38 8.58 33.20 15.34
N LEU A 39 7.53 33.01 16.15
CA LEU A 39 6.62 34.09 16.51
C LEU A 39 7.22 34.89 17.66
N ASP A 40 7.11 36.22 17.59
CA ASP A 40 7.64 37.14 18.61
C ASP A 40 6.83 37.04 19.92
N GLU A 41 7.43 37.49 21.04
CA GLU A 41 6.86 37.45 22.38
C GLU A 41 5.51 38.22 22.51
N VAL A 42 5.18 39.09 21.54
CA VAL A 42 3.93 39.86 21.52
C VAL A 42 2.82 39.05 20.82
N THR A 43 3.10 38.54 19.60
CA THR A 43 2.15 37.79 18.76
C THR A 43 1.76 36.43 19.40
N VAL A 44 2.64 35.83 20.23
CA VAL A 44 2.38 34.53 20.90
C VAL A 44 1.22 34.63 21.92
N THR A 45 1.00 35.82 22.52
CA THR A 45 -0.05 36.06 23.52
C THR A 45 -1.46 35.94 22.90
N ILE A 46 -1.58 36.17 21.58
CA ILE A 46 -2.86 36.10 20.86
C ILE A 46 -3.11 34.62 20.50
N PRO A 47 -4.16 33.99 21.07
CA PRO A 47 -4.44 32.57 20.74
C PRO A 47 -4.94 32.40 19.31
N HIS A 48 -4.48 31.32 18.64
CA HIS A 48 -4.86 31.03 17.25
C HIS A 48 -6.31 30.56 17.17
N ASP A 49 -6.99 30.93 16.07
CA ASP A 49 -8.39 30.60 15.84
C ASP A 49 -8.59 29.10 15.58
N ILE A 50 -7.63 28.46 14.85
CA ILE A 50 -7.66 27.03 14.53
C ILE A 50 -6.27 26.43 14.82
N TYR A 51 -6.25 25.31 15.56
CA TYR A 51 -5.05 24.53 15.87
C TYR A 51 -5.16 23.18 15.17
N VAL A 52 -4.19 22.88 14.29
CA VAL A 52 -4.15 21.62 13.56
C VAL A 52 -2.90 20.87 13.98
N PHE A 53 -3.06 19.69 14.60
CA PHE A 53 -1.95 18.87 15.08
C PHE A 53 -1.85 17.59 14.28
N GLY A 54 -0.70 17.42 13.63
CA GLY A 54 -0.39 16.25 12.82
C GLY A 54 0.74 15.46 13.44
N THR A 55 0.51 14.18 13.73
CA THR A 55 1.53 13.34 14.35
C THR A 55 1.71 12.02 13.61
N GLN A 56 2.94 11.48 13.71
CA GLN A 56 3.37 10.21 13.15
C GLN A 56 4.07 9.46 14.27
N GLU A 57 4.03 8.12 14.25
CA GLU A 57 4.63 7.25 15.28
C GLU A 57 4.10 7.68 16.69
N ASN A 58 2.79 7.98 16.76
CA ASN A 58 2.11 8.41 17.98
C ASN A 58 1.58 7.18 18.72
N SER A 59 2.23 6.82 19.83
CA SER A 59 1.90 5.66 20.65
C SER A 59 0.69 5.91 21.58
N VAL A 60 0.37 7.19 21.84
CA VAL A 60 -0.73 7.62 22.71
C VAL A 60 -2.07 7.36 22.00
N GLY A 61 -3.02 6.78 22.74
CA GLY A 61 -4.37 6.47 22.26
C GLY A 61 -5.13 7.70 21.80
N ASP A 62 -6.02 7.52 20.81
CA ASP A 62 -6.84 8.55 20.17
C ASP A 62 -7.51 9.52 21.15
N ARG A 63 -8.23 8.98 22.15
CA ARG A 63 -8.94 9.76 23.18
C ARG A 63 -7.95 10.47 24.11
N GLU A 64 -6.91 9.75 24.57
CA GLU A 64 -5.87 10.25 25.48
C GLU A 64 -5.04 11.39 24.85
N TRP A 65 -4.77 11.30 23.52
CA TRP A 65 -3.99 12.30 22.79
C TRP A 65 -4.75 13.62 22.64
N LEU A 66 -6.05 13.55 22.25
CA LEU A 66 -6.93 14.72 22.09
C LEU A 66 -7.10 15.44 23.44
N ASP A 67 -7.17 14.69 24.55
CA ASP A 67 -7.28 15.22 25.91
C ASP A 67 -6.03 16.03 26.28
N LEU A 68 -4.83 15.55 25.87
CA LEU A 68 -3.55 16.23 26.12
C LEU A 68 -3.48 17.54 25.35
N LEU A 69 -3.97 17.57 24.09
CA LEU A 69 -3.99 18.76 23.24
C LEU A 69 -4.95 19.80 23.80
N ARG A 70 -6.19 19.36 24.14
CA ARG A 70 -7.25 20.16 24.72
C ARG A 70 -6.80 20.76 26.06
N GLY A 71 -6.17 19.94 26.90
CA GLY A 71 -5.64 20.33 28.20
C GLY A 71 -4.45 21.28 28.09
N GLY A 72 -3.58 20.99 27.13
CA GLY A 72 -2.40 21.81 26.82
C GLY A 72 -2.75 23.20 26.35
N LEU A 73 -3.78 23.29 25.48
CA LEU A 73 -4.29 24.56 24.95
C LEU A 73 -5.01 25.35 26.05
N LYS A 74 -5.70 24.65 26.98
CA LYS A 74 -6.41 25.24 28.10
C LYS A 74 -5.43 25.91 29.09
N GLU A 75 -4.30 25.26 29.39
CA GLU A 75 -3.29 25.79 30.31
C GLU A 75 -2.58 27.01 29.70
N LEU A 76 -2.45 27.03 28.36
CA LEU A 76 -1.77 28.10 27.62
C LEU A 76 -2.68 29.32 27.35
N THR A 77 -3.91 29.11 26.85
CA THR A 77 -4.81 30.18 26.44
C THR A 77 -5.96 30.48 27.43
N ASP A 78 -6.23 29.57 28.39
CA ASP A 78 -7.33 29.63 29.38
C ASP A 78 -8.70 29.53 28.65
N LEU A 79 -8.67 28.95 27.44
CA LEU A 79 -9.83 28.75 26.58
C LEU A 79 -10.06 27.26 26.34
N ASP A 80 -11.34 26.84 26.35
CA ASP A 80 -11.72 25.45 26.13
C ASP A 80 -11.93 25.24 24.62
N TYR A 81 -10.87 24.83 23.92
CA TYR A 81 -10.87 24.61 22.48
C TYR A 81 -11.74 23.42 22.12
N ARG A 82 -12.60 23.61 21.10
CA ARG A 82 -13.56 22.60 20.66
C ARG A 82 -13.01 21.75 19.51
N PRO A 83 -12.81 20.43 19.74
CA PRO A 83 -12.35 19.56 18.65
C PRO A 83 -13.42 19.40 17.58
N ILE A 84 -13.08 19.69 16.32
CA ILE A 84 -13.99 19.63 15.17
C ILE A 84 -13.88 18.27 14.48
N ALA A 85 -12.65 17.77 14.28
CA ALA A 85 -12.40 16.48 13.62
C ALA A 85 -11.13 15.82 14.12
N MET A 86 -11.07 14.49 13.97
CA MET A 86 -9.93 13.66 14.31
C MET A 86 -9.94 12.40 13.46
N GLN A 87 -8.82 12.11 12.78
CA GLN A 87 -8.67 10.94 11.93
C GLN A 87 -7.34 10.26 12.25
N SER A 88 -7.40 8.95 12.52
CA SER A 88 -6.22 8.17 12.85
C SER A 88 -6.07 6.93 11.97
N LEU A 89 -4.82 6.58 11.66
CA LEU A 89 -4.42 5.41 10.89
C LEU A 89 -3.21 4.80 11.61
N TRP A 90 -3.50 3.82 12.50
CA TRP A 90 -2.56 3.10 13.36
C TRP A 90 -1.81 4.09 14.29
N ASN A 91 -0.62 4.57 13.90
CA ASN A 91 0.17 5.49 14.71
C ASN A 91 0.24 6.91 14.09
N ILE A 92 -0.46 7.13 12.97
CA ILE A 92 -0.56 8.43 12.29
C ILE A 92 -1.91 9.04 12.64
N LYS A 93 -1.93 10.23 13.26
CA LYS A 93 -3.20 10.86 13.65
C LYS A 93 -3.13 12.38 13.58
N VAL A 94 -4.26 12.98 13.14
CA VAL A 94 -4.44 14.42 12.99
C VAL A 94 -5.70 14.85 13.77
N ALA A 95 -5.64 16.02 14.43
CA ALA A 95 -6.75 16.59 15.18
C ALA A 95 -6.86 18.09 14.92
N VAL A 96 -8.11 18.57 14.78
CA VAL A 96 -8.39 20.00 14.52
C VAL A 96 -9.27 20.53 15.65
N LEU A 97 -8.78 21.60 16.30
CA LEU A 97 -9.46 22.27 17.42
C LEU A 97 -9.64 23.75 17.09
N VAL A 98 -10.85 24.28 17.33
CA VAL A 98 -11.17 25.69 17.05
C VAL A 98 -11.56 26.42 18.34
N LYS A 99 -11.53 27.77 18.32
CA LYS A 99 -11.96 28.60 19.44
C LYS A 99 -13.46 28.35 19.67
N PRO A 100 -13.94 28.20 20.93
CA PRO A 100 -15.38 27.90 21.15
C PRO A 100 -16.36 28.84 20.44
N GLU A 101 -15.96 30.11 20.23
CA GLU A 101 -16.76 31.14 19.54
C GLU A 101 -16.95 30.83 18.03
N HIS A 102 -16.05 30.01 17.44
CA HIS A 102 -16.09 29.66 16.01
C HIS A 102 -16.86 28.35 15.71
N GLU A 103 -17.51 27.75 16.72
CA GLU A 103 -18.28 26.49 16.62
C GLU A 103 -19.36 26.55 15.51
N ASN A 104 -20.18 27.62 15.48
CA ASN A 104 -21.27 27.79 14.52
C ASN A 104 -20.76 28.20 13.11
N ARG A 105 -19.49 28.60 13.00
CA ARG A 105 -18.86 29.02 11.74
C ARG A 105 -18.32 27.81 10.95
N ILE A 106 -18.25 26.62 11.59
CA ILE A 106 -17.76 25.37 10.98
C ILE A 106 -18.91 24.58 10.36
N SER A 107 -18.72 24.10 9.12
CA SER A 107 -19.67 23.29 8.35
C SER A 107 -18.94 22.36 7.38
N HIS A 108 -19.63 21.29 6.91
CA HIS A 108 -19.15 20.27 5.95
C HIS A 108 -17.81 19.64 6.41
N VAL A 109 -17.84 18.97 7.57
CA VAL A 109 -16.66 18.31 8.14
C VAL A 109 -16.51 16.90 7.52
N SER A 110 -15.31 16.60 7.01
CA SER A 110 -14.99 15.31 6.38
C SER A 110 -13.59 14.82 6.78
N THR A 111 -13.44 13.50 6.91
CA THR A 111 -12.17 12.83 7.28
C THR A 111 -11.94 11.60 6.40
N SER A 112 -10.66 11.30 6.08
CA SER A 112 -10.26 10.16 5.26
C SER A 112 -8.85 9.68 5.61
N SER A 113 -8.53 8.41 5.29
CA SER A 113 -7.22 7.81 5.55
C SER A 113 -6.80 6.87 4.41
N VAL A 114 -5.53 7.00 3.96
CA VAL A 114 -4.93 6.20 2.90
C VAL A 114 -3.71 5.46 3.47
N LYS A 115 -3.69 4.12 3.34
CA LYS A 115 -2.61 3.27 3.82
C LYS A 115 -1.63 2.93 2.70
N THR A 116 -0.31 3.05 2.98
CA THR A 116 0.76 2.75 2.01
C THR A 116 1.75 1.74 2.63
N GLY A 117 2.13 0.75 1.83
CA GLY A 117 3.06 -0.30 2.23
C GLY A 117 2.44 -1.31 3.18
N ASN A 124 2.52 2.16 10.90
CA ASN A 124 2.96 1.94 9.53
C ASN A 124 3.09 3.29 8.77
N LYS A 125 2.95 3.25 7.42
CA LYS A 125 3.05 4.44 6.57
C LYS A 125 1.70 4.75 5.90
N GLY A 126 1.51 6.00 5.52
CA GLY A 126 0.29 6.48 4.87
C GLY A 126 -0.07 7.90 5.22
N ALA A 127 -1.38 8.23 5.19
CA ALA A 127 -1.86 9.59 5.48
C ALA A 127 -3.26 9.62 6.10
N VAL A 128 -3.56 10.71 6.81
CA VAL A 128 -4.84 11.02 7.43
C VAL A 128 -5.22 12.46 7.03
N GLY A 129 -6.46 12.65 6.62
CA GLY A 129 -6.95 13.95 6.17
C GLY A 129 -8.16 14.47 6.91
N VAL A 130 -8.30 15.81 6.94
CA VAL A 130 -9.40 16.55 7.58
C VAL A 130 -9.76 17.73 6.67
N SER A 131 -11.08 17.93 6.41
CA SER A 131 -11.57 19.05 5.63
C SER A 131 -12.86 19.60 6.22
N PHE A 132 -12.99 20.94 6.24
CA PHE A 132 -14.15 21.66 6.77
C PHE A 132 -14.27 23.03 6.10
N MET A 133 -15.35 23.77 6.41
CA MET A 133 -15.59 25.10 5.87
C MET A 133 -15.75 26.12 6.99
N PHE A 134 -14.95 27.20 6.93
CA PHE A 134 -15.05 28.32 7.87
C PHE A 134 -15.81 29.40 7.12
N ASN A 135 -17.12 29.52 7.40
CA ASN A 135 -18.08 30.41 6.74
C ASN A 135 -18.18 29.97 5.26
N GLY A 136 -17.66 30.79 4.33
CA GLY A 136 -17.67 30.48 2.90
C GLY A 136 -16.37 29.96 2.35
N THR A 137 -15.30 29.95 3.19
CA THR A 137 -13.95 29.50 2.81
C THR A 137 -13.74 28.04 3.24
N SER A 138 -13.37 27.18 2.27
CA SER A 138 -13.10 25.75 2.51
C SER A 138 -11.64 25.49 2.83
N PHE A 139 -11.38 24.54 3.75
CA PHE A 139 -10.04 24.18 4.18
C PHE A 139 -9.77 22.68 4.03
N GLY A 140 -8.52 22.33 3.75
CA GLY A 140 -8.05 20.96 3.60
C GLY A 140 -6.74 20.76 4.34
N PHE A 141 -6.65 19.68 5.14
CA PHE A 141 -5.45 19.36 5.93
C PHE A 141 -5.07 17.90 5.75
N VAL A 142 -3.82 17.65 5.30
CA VAL A 142 -3.32 16.29 5.07
C VAL A 142 -2.07 16.06 5.94
N ASN A 143 -2.14 15.06 6.84
CA ASN A 143 -1.04 14.64 7.72
C ASN A 143 -0.55 13.28 7.23
N CYS A 144 0.72 13.19 6.82
CA CYS A 144 1.25 11.96 6.26
C CYS A 144 2.56 11.49 6.89
N HIS A 145 2.93 10.24 6.57
CA HIS A 145 4.17 9.57 6.93
C HIS A 145 4.57 8.71 5.72
N LEU A 146 5.51 9.24 4.90
CA LEU A 146 5.96 8.59 3.67
C LEU A 146 7.15 7.65 3.93
N THR A 147 7.50 6.81 2.93
CA THR A 147 8.58 5.80 2.96
C THR A 147 9.92 6.43 3.37
N SER A 148 10.61 5.76 4.32
CA SER A 148 11.91 6.17 4.86
C SER A 148 13.07 5.63 4.00
N GLY A 149 14.26 6.21 4.17
CA GLY A 149 15.46 5.82 3.44
C GLY A 149 15.91 6.84 2.41
N ASN A 150 17.22 7.12 2.36
CA ASN A 150 17.85 8.07 1.45
C ASN A 150 17.65 7.71 -0.04
N GLU A 151 17.71 6.41 -0.36
CA GLU A 151 17.60 5.88 -1.72
C GLU A 151 16.15 5.54 -2.15
N LYS A 152 15.14 5.96 -1.38
CA LYS A 152 13.74 5.64 -1.70
C LYS A 152 12.90 6.91 -2.00
N THR A 153 13.44 7.83 -2.82
CA THR A 153 12.78 9.07 -3.26
C THR A 153 11.63 8.75 -4.23
N ALA A 154 11.83 7.73 -5.10
CA ALA A 154 10.85 7.27 -6.09
C ALA A 154 9.57 6.76 -5.42
N ARG A 155 9.71 6.03 -4.29
CA ARG A 155 8.59 5.51 -3.51
C ARG A 155 7.82 6.64 -2.81
N ARG A 156 8.55 7.68 -2.34
CA ARG A 156 7.97 8.86 -1.68
C ARG A 156 7.08 9.63 -2.64
N ASN A 157 7.53 9.79 -3.90
CA ASN A 157 6.81 10.45 -4.98
C ASN A 157 5.55 9.67 -5.33
N GLN A 158 5.63 8.33 -5.34
CA GLN A 158 4.52 7.43 -5.62
C GLN A 158 3.51 7.47 -4.47
N ASN A 159 4.00 7.55 -3.21
CA ASN A 159 3.19 7.65 -2.00
C ASN A 159 2.31 8.91 -2.06
N TYR A 160 2.90 10.07 -2.44
CA TYR A 160 2.22 11.35 -2.58
C TYR A 160 1.10 11.27 -3.62
N LEU A 161 1.41 10.76 -4.84
CA LEU A 161 0.47 10.62 -5.95
C LEU A 161 -0.70 9.70 -5.59
N ASP A 162 -0.43 8.62 -4.81
CA ASP A 162 -1.43 7.67 -4.34
C ASP A 162 -2.41 8.32 -3.36
N ILE A 163 -1.88 9.11 -2.38
CA ILE A 163 -2.69 9.81 -1.38
C ILE A 163 -3.54 10.89 -2.08
N LEU A 164 -2.92 11.67 -2.99
CA LEU A 164 -3.53 12.75 -3.77
C LEU A 164 -4.78 12.27 -4.57
N ARG A 165 -4.83 10.98 -4.98
CA ARG A 165 -5.93 10.43 -5.76
C ARG A 165 -6.88 9.51 -4.96
N LEU A 166 -6.44 8.96 -3.81
CA LEU A 166 -7.26 8.03 -3.02
C LEU A 166 -7.93 8.67 -1.79
N LEU A 167 -7.40 9.80 -1.28
CA LEU A 167 -7.96 10.47 -0.10
C LEU A 167 -9.28 11.16 -0.45
N SER A 168 -10.41 10.49 -0.14
CA SER A 168 -11.77 10.97 -0.39
C SER A 168 -12.15 11.98 0.71
N LEU A 169 -11.74 13.24 0.50
CA LEU A 169 -11.95 14.34 1.45
C LEU A 169 -12.94 15.36 0.91
N PHE A 177 -11.63 16.75 -9.93
CA PHE A 177 -11.92 15.62 -9.05
C PHE A 177 -10.88 15.50 -7.93
N ASP A 178 -9.60 15.83 -8.23
CA ASP A 178 -8.47 15.76 -7.31
C ASP A 178 -8.59 16.76 -6.15
N ILE A 179 -8.03 16.41 -4.98
CA ILE A 179 -8.03 17.22 -3.74
C ILE A 179 -7.17 18.51 -3.89
N SER A 180 -6.32 18.59 -4.93
CA SER A 180 -5.44 19.73 -5.22
C SER A 180 -6.25 20.98 -5.65
N LEU A 181 -7.52 20.80 -6.07
CA LEU A 181 -8.42 21.88 -6.50
C LEU A 181 -9.78 21.83 -5.75
N ARG A 182 -9.90 20.96 -4.72
CA ARG A 182 -11.13 20.78 -3.94
C ARG A 182 -11.35 21.85 -2.86
N PHE A 183 -10.28 22.46 -2.32
CA PHE A 183 -10.40 23.43 -1.24
C PHE A 183 -9.71 24.76 -1.55
N THR A 184 -10.24 25.86 -0.96
CA THR A 184 -9.73 27.23 -1.08
C THR A 184 -8.29 27.30 -0.57
N HIS A 185 -8.00 26.60 0.54
CA HIS A 185 -6.68 26.51 1.16
C HIS A 185 -6.42 25.06 1.57
N LEU A 186 -5.43 24.42 0.92
CA LEU A 186 -5.04 23.04 1.19
C LEU A 186 -3.65 23.01 1.84
N PHE A 187 -3.55 22.35 2.99
CA PHE A 187 -2.29 22.22 3.73
C PHE A 187 -1.83 20.77 3.75
N TRP A 188 -0.60 20.53 3.28
CA TRP A 188 0.02 19.21 3.26
C TRP A 188 1.22 19.22 4.19
N PHE A 189 1.20 18.36 5.21
CA PHE A 189 2.26 18.31 6.22
C PHE A 189 2.48 16.88 6.73
N GLY A 190 3.51 16.73 7.57
CA GLY A 190 3.85 15.45 8.16
C GLY A 190 5.31 15.09 7.99
N ASP A 191 5.63 13.81 8.19
CA ASP A 191 6.96 13.28 7.99
C ASP A 191 7.03 12.83 6.53
N LEU A 192 7.41 13.77 5.63
CA LEU A 192 7.50 13.48 4.18
C LEU A 192 8.70 12.57 3.90
N ASN A 193 9.65 12.49 4.86
CA ASN A 193 10.86 11.63 4.87
C ASN A 193 11.85 11.90 3.72
N TYR A 194 11.78 13.08 3.07
CA TYR A 194 12.74 13.44 2.01
C TYR A 194 14.08 13.78 2.68
N ARG A 195 15.18 13.26 2.11
CA ARG A 195 16.52 13.39 2.69
C ARG A 195 17.44 14.33 1.90
N LEU A 196 18.69 14.49 2.34
CA LEU A 196 19.68 15.34 1.68
C LEU A 196 20.56 14.52 0.75
N ASP A 197 20.80 15.03 -0.47
CA ASP A 197 21.65 14.39 -1.45
C ASP A 197 23.09 14.90 -1.27
N MET A 198 23.70 14.51 -0.14
CA MET A 198 25.06 14.89 0.26
C MET A 198 25.63 13.87 1.25
N ASP A 199 26.98 13.79 1.33
CA ASP A 199 27.68 12.89 2.25
C ASP A 199 27.65 13.50 3.66
N ILE A 200 27.78 12.65 4.69
CA ILE A 200 27.79 13.02 6.12
C ILE A 200 28.93 14.02 6.45
N GLN A 201 30.09 13.94 5.75
CA GLN A 201 31.23 14.83 5.99
C GLN A 201 30.81 16.30 5.78
N GLU A 202 30.23 16.61 4.61
CA GLU A 202 29.78 17.95 4.21
C GLU A 202 28.58 18.42 5.04
N ILE A 203 27.59 17.52 5.30
CA ILE A 203 26.37 17.83 6.06
C ILE A 203 26.72 18.32 7.47
N LEU A 204 27.57 17.59 8.21
CA LEU A 204 27.94 17.97 9.57
C LEU A 204 28.88 19.19 9.60
N ASN A 205 29.68 19.40 8.52
CA ASN A 205 30.56 20.57 8.42
C ASN A 205 29.74 21.85 8.20
N TYR A 206 28.68 21.78 7.36
CA TYR A 206 27.79 22.91 7.10
C TYR A 206 26.91 23.23 8.32
N ILE A 207 26.37 22.20 8.99
CA ILE A 207 25.52 22.33 10.18
C ILE A 207 26.30 23.01 11.33
N SER A 208 27.59 22.65 11.51
CA SER A 208 28.48 23.22 12.52
C SER A 208 28.69 24.72 12.35
N ARG A 209 28.61 25.21 11.09
CA ARG A 209 28.76 26.63 10.75
C ARG A 209 27.39 27.29 10.57
N LYS A 210 26.30 26.52 10.79
CA LYS A 210 24.89 26.91 10.65
C LYS A 210 24.59 27.43 9.22
N GLU A 211 25.23 26.80 8.23
CA GLU A 211 25.09 27.11 6.79
C GLU A 211 24.12 26.10 6.19
N PHE A 212 22.82 26.40 6.27
CA PHE A 212 21.77 25.51 5.80
C PHE A 212 21.42 25.68 4.32
N GLU A 213 21.74 26.85 3.72
CA GLU A 213 21.49 27.14 2.30
C GLU A 213 22.15 26.10 1.35
N PRO A 214 23.44 25.67 1.49
CA PRO A 214 23.99 24.64 0.58
C PRO A 214 23.31 23.28 0.76
N LEU A 215 22.82 22.99 1.98
CA LEU A 215 22.12 21.73 2.30
C LEU A 215 20.72 21.71 1.69
N LEU A 216 20.02 22.87 1.73
CA LEU A 216 18.67 23.03 1.19
C LEU A 216 18.64 22.94 -0.34
N ARG A 217 19.80 23.18 -1.00
CA ARG A 217 19.94 23.06 -2.45
C ARG A 217 19.91 21.59 -2.87
N VAL A 218 20.33 20.67 -1.98
CA VAL A 218 20.36 19.23 -2.25
C VAL A 218 19.27 18.48 -1.45
N ASP A 219 18.30 19.20 -0.87
CA ASP A 219 17.16 18.60 -0.17
C ASP A 219 16.26 17.95 -1.23
N GLN A 220 15.98 16.64 -1.09
CA GLN A 220 15.19 15.86 -2.06
C GLN A 220 13.80 16.43 -2.34
N LEU A 221 13.11 17.02 -1.33
CA LEU A 221 11.79 17.61 -1.56
C LEU A 221 11.92 18.88 -2.43
N ASN A 222 12.90 19.75 -2.12
CA ASN A 222 13.19 20.96 -2.89
C ASN A 222 13.56 20.62 -4.34
N LEU A 223 14.33 19.53 -4.55
CA LEU A 223 14.76 19.06 -5.86
C LEU A 223 13.59 18.52 -6.68
N GLU A 224 12.73 17.68 -6.09
CA GLU A 224 11.57 17.08 -6.77
C GLU A 224 10.51 18.14 -7.08
N ARG A 225 10.40 19.21 -6.26
CA ARG A 225 9.47 20.32 -6.49
C ARG A 225 9.97 21.21 -7.63
N GLU A 226 11.30 21.45 -7.68
CA GLU A 226 11.96 22.25 -8.72
C GLU A 226 11.89 21.52 -10.08
N LYS A 227 11.99 20.18 -10.06
CA LYS A 227 11.90 19.32 -11.26
C LYS A 227 10.43 19.09 -11.66
N HIS A 228 9.47 19.63 -10.86
CA HIS A 228 8.02 19.56 -11.02
C HIS A 228 7.50 18.10 -11.01
N LYS A 229 8.14 17.25 -10.18
CA LYS A 229 7.79 15.84 -10.03
C LYS A 229 6.64 15.69 -9.03
N VAL A 230 6.70 16.40 -7.88
CA VAL A 230 5.68 16.36 -6.83
C VAL A 230 5.31 17.77 -6.37
N PHE A 231 4.17 17.90 -5.65
CA PHE A 231 3.63 19.13 -5.05
C PHE A 231 3.60 20.30 -6.06
N LEU A 232 2.88 20.10 -7.17
CA LEU A 232 2.75 21.10 -8.24
C LEU A 232 1.94 22.31 -7.75
N ARG A 233 2.52 23.52 -7.94
CA ARG A 233 1.96 24.83 -7.56
C ARG A 233 1.81 24.98 -6.02
N PHE A 234 2.46 24.08 -5.24
CA PHE A 234 2.45 24.13 -3.77
C PHE A 234 3.52 25.12 -3.32
N SER A 235 3.33 25.72 -2.14
CA SER A 235 4.26 26.68 -1.56
C SER A 235 4.75 26.24 -0.20
N GLU A 236 6.02 26.54 0.10
CA GLU A 236 6.65 26.26 1.40
C GLU A 236 7.46 27.48 1.82
N GLU A 237 7.35 27.88 3.09
CA GLU A 237 8.10 29.00 3.66
C GLU A 237 9.59 28.64 3.72
N GLU A 238 10.47 29.65 3.62
CA GLU A 238 11.92 29.49 3.67
C GLU A 238 12.34 28.80 4.97
N ILE A 239 13.25 27.82 4.86
CA ILE A 239 13.75 27.08 6.02
C ILE A 239 15.03 27.75 6.53
N SER A 240 15.00 28.15 7.82
CA SER A 240 16.13 28.78 8.50
C SER A 240 16.44 28.04 9.82
N PHE A 241 15.85 26.84 9.98
CA PHE A 241 16.03 25.97 11.14
C PHE A 241 16.84 24.72 10.75
N PRO A 242 17.64 24.13 11.69
CA PRO A 242 18.44 22.95 11.33
C PRO A 242 17.61 21.70 11.02
N PRO A 243 18.18 20.67 10.32
CA PRO A 243 17.42 19.43 10.07
C PRO A 243 16.80 18.87 11.35
N THR A 244 15.53 18.44 11.26
CA THR A 244 14.74 17.97 12.40
C THR A 244 14.90 16.46 12.65
N TYR A 245 15.69 15.77 11.81
CA TYR A 245 15.97 14.34 11.86
C TYR A 245 17.45 14.12 11.56
N ARG A 246 18.16 13.13 12.18
CA ARG A 246 17.71 12.21 13.23
C ARG A 246 18.50 12.55 14.48
N TYR A 247 17.83 13.08 15.51
CA TYR A 247 18.46 13.48 16.75
C TYR A 247 18.62 12.36 17.76
N GLU A 248 19.63 12.47 18.63
CA GLU A 248 19.82 11.57 19.76
C GLU A 248 18.80 11.99 20.80
N ARG A 249 18.01 11.06 21.34
CA ARG A 249 16.96 11.36 22.32
C ARG A 249 17.56 11.85 23.64
N GLY A 250 16.91 12.85 24.23
CA GLY A 250 17.33 13.45 25.50
C GLY A 250 17.96 14.82 25.41
N SER A 251 18.39 15.21 24.17
CA SER A 251 19.02 16.50 23.86
CA SER A 251 19.02 16.50 23.86
C SER A 251 18.88 16.82 22.36
N ARG A 252 19.35 18.01 21.93
CA ARG A 252 19.34 18.44 20.51
C ARG A 252 20.77 18.77 20.07
N ASP A 253 21.76 18.44 20.92
CA ASP A 253 23.18 18.72 20.71
C ASP A 253 23.86 17.81 19.69
N THR A 254 23.38 16.54 19.53
CA THR A 254 24.00 15.56 18.63
CA THR A 254 24.00 15.59 18.60
C THR A 254 22.96 14.82 17.76
N TYR A 255 23.29 14.58 16.48
CA TYR A 255 22.49 13.84 15.50
C TYR A 255 22.89 12.36 15.54
N ALA A 256 21.91 11.45 15.51
CA ALA A 256 22.15 10.01 15.45
C ALA A 256 22.17 9.59 13.98
N TRP A 257 23.37 9.48 13.39
CA TRP A 257 23.53 9.15 11.98
C TRP A 257 24.10 7.74 11.74
N HIS A 258 24.97 7.25 12.64
CA HIS A 258 25.57 5.91 12.49
C HIS A 258 25.09 4.98 13.61
N THR A 267 22.64 4.04 7.50
CA THR A 267 23.08 5.44 7.58
C THR A 267 21.88 6.37 7.44
N ASN A 268 21.65 7.22 8.46
CA ASN A 268 20.57 8.20 8.48
C ASN A 268 21.14 9.60 8.68
N VAL A 269 21.62 10.21 7.59
CA VAL A 269 22.23 11.56 7.59
C VAL A 269 21.17 12.62 7.97
N PRO A 270 21.54 13.71 8.71
CA PRO A 270 20.55 14.73 9.08
C PRO A 270 19.75 15.24 7.88
N SER A 271 18.42 15.34 8.04
CA SER A 271 17.50 15.74 6.97
C SER A 271 16.29 16.50 7.49
N TRP A 272 15.66 17.28 6.59
CA TRP A 272 14.44 18.02 6.85
C TRP A 272 13.25 17.12 6.45
N CYS A 273 12.99 16.10 7.28
CA CYS A 273 11.94 15.10 7.04
C CYS A 273 10.54 15.64 7.30
N ASP A 274 10.42 16.57 8.26
CA ASP A 274 9.15 17.12 8.74
C ASP A 274 8.89 18.50 8.15
N ARG A 275 7.88 18.58 7.28
CA ARG A 275 7.58 19.80 6.51
C ARG A 275 6.11 20.18 6.52
N ILE A 276 5.83 21.46 6.21
CA ILE A 276 4.50 22.04 6.07
C ILE A 276 4.47 22.79 4.74
N LEU A 277 3.54 22.40 3.86
CA LEU A 277 3.34 22.99 2.55
C LEU A 277 1.90 23.42 2.39
N TRP A 278 1.63 24.39 1.50
CA TRP A 278 0.27 24.86 1.28
C TRP A 278 0.01 25.20 -0.18
N LYS A 279 -1.22 24.92 -0.64
CA LYS A 279 -1.72 25.21 -1.98
C LYS A 279 -3.05 25.94 -1.82
N SER A 280 -3.11 27.19 -2.29
CA SER A 280 -4.30 28.02 -2.18
C SER A 280 -4.88 28.42 -3.54
N TYR A 281 -6.20 28.74 -3.56
CA TYR A 281 -6.94 29.21 -4.73
C TYR A 281 -6.36 30.56 -5.20
N PRO A 282 -6.40 30.91 -6.51
CA PRO A 282 -5.86 32.21 -6.93
C PRO A 282 -6.64 33.39 -6.33
N GLU A 283 -5.91 34.49 -6.04
CA GLU A 283 -6.39 35.78 -5.49
C GLU A 283 -6.97 35.62 -4.06
N THR A 284 -6.39 34.71 -3.24
CA THR A 284 -6.81 34.50 -1.85
C THR A 284 -5.71 35.00 -0.90
N HIS A 285 -6.11 35.48 0.29
CA HIS A 285 -5.18 36.01 1.29
C HIS A 285 -4.64 34.88 2.18
N ILE A 286 -3.31 34.66 2.11
CA ILE A 286 -2.59 33.64 2.89
C ILE A 286 -1.15 34.13 3.11
N ILE A 287 -0.81 34.46 4.37
CA ILE A 287 0.51 34.94 4.78
C ILE A 287 1.05 34.03 5.89
N CYS A 288 2.28 33.50 5.69
CA CYS A 288 2.94 32.65 6.69
C CYS A 288 3.63 33.52 7.73
N ASN A 289 3.18 33.43 8.99
CA ASN A 289 3.73 34.23 10.10
C ASN A 289 4.90 33.54 10.80
N SER A 290 4.95 32.20 10.78
CA SER A 290 6.03 31.42 11.39
C SER A 290 6.18 30.06 10.72
N TYR A 291 7.42 29.55 10.70
CA TYR A 291 7.79 28.24 10.17
C TYR A 291 9.14 27.85 10.73
N GLY A 292 9.12 26.90 11.65
CA GLY A 292 10.33 26.43 12.31
C GLY A 292 10.13 25.21 13.16
N CYS A 293 11.11 24.94 14.03
CA CYS A 293 11.10 23.78 14.91
C CYS A 293 11.41 24.19 16.35
N THR A 294 11.06 23.33 17.32
CA THR A 294 11.39 23.56 18.72
C THR A 294 12.78 22.98 19.00
N ASP A 295 13.39 23.34 20.13
CA ASP A 295 14.70 22.80 20.52
C ASP A 295 14.68 22.31 21.99
N ASP A 296 13.51 22.40 22.66
CA ASP A 296 13.36 21.99 24.06
C ASP A 296 12.52 20.70 24.22
N ILE A 297 11.94 20.17 23.11
CA ILE A 297 11.17 18.93 23.11
C ILE A 297 12.11 17.85 22.57
N VAL A 298 12.63 16.98 23.47
CA VAL A 298 13.68 16.01 23.15
C VAL A 298 13.30 14.52 23.40
N THR A 299 12.00 14.20 23.47
CA THR A 299 11.56 12.81 23.71
C THR A 299 11.69 11.95 22.45
N SER A 300 11.57 12.57 21.26
CA SER A 300 11.65 11.89 19.97
C SER A 300 12.97 12.14 19.24
N ASP A 301 13.27 11.29 18.22
CA ASP A 301 14.44 11.44 17.35
C ASP A 301 14.17 12.55 16.32
N HIS A 302 12.91 13.00 16.27
CA HIS A 302 12.42 14.09 15.43
C HIS A 302 12.06 15.29 16.28
N SER A 303 12.37 16.50 15.80
CA SER A 303 12.00 17.73 16.48
C SER A 303 10.64 18.19 15.95
N PRO A 304 9.69 18.58 16.83
CA PRO A 304 8.38 19.07 16.33
C PRO A 304 8.54 20.31 15.44
N VAL A 305 7.73 20.40 14.38
CA VAL A 305 7.74 21.51 13.43
C VAL A 305 6.40 22.25 13.53
N PHE A 306 6.45 23.59 13.54
CA PHE A 306 5.29 24.47 13.61
C PHE A 306 5.18 25.34 12.37
N GLY A 307 3.97 25.82 12.09
CA GLY A 307 3.65 26.71 10.99
C GLY A 307 2.37 27.47 11.25
N THR A 308 2.44 28.81 11.30
CA THR A 308 1.26 29.66 11.54
C THR A 308 0.95 30.49 10.29
N PHE A 309 -0.35 30.73 10.04
CA PHE A 309 -0.80 31.44 8.84
C PHE A 309 -1.94 32.41 9.11
N GLU A 310 -1.95 33.54 8.38
CA GLU A 310 -2.99 34.56 8.38
C GLU A 310 -3.85 34.30 7.15
N VAL A 311 -5.03 33.72 7.34
CA VAL A 311 -5.91 33.33 6.23
C VAL A 311 -7.18 34.21 6.20
N GLY A 312 -7.50 34.69 5.00
CA GLY A 312 -8.68 35.49 4.74
C GLY A 312 -9.92 34.64 4.60
N VAL A 313 -11.02 35.04 5.25
CA VAL A 313 -12.29 34.31 5.23
C VAL A 313 -13.41 35.26 4.75
N THR A 314 -14.23 34.76 3.81
CA THR A 314 -15.35 35.51 3.22
C THR A 314 -16.62 35.32 4.06
N SER A 315 -17.17 36.44 4.56
CA SER A 315 -18.40 36.53 5.37
C SER A 315 -18.86 37.98 5.48
N ASP B 6 12.98 -2.75 2.92
CA ASP B 6 13.14 -3.37 1.61
C ASP B 6 11.93 -4.25 1.29
N MET B 7 11.16 -3.87 0.27
CA MET B 7 9.94 -4.57 -0.16
C MET B 7 9.92 -4.80 -1.67
N ILE B 8 9.28 -5.91 -2.10
CA ILE B 8 9.15 -6.29 -3.51
C ILE B 8 7.69 -6.68 -3.83
N SER B 9 7.23 -6.36 -5.06
CA SER B 9 5.90 -6.68 -5.56
C SER B 9 5.94 -7.97 -6.35
N VAL B 10 5.16 -8.97 -5.91
CA VAL B 10 5.12 -10.29 -6.54
C VAL B 10 3.73 -10.52 -7.16
N PHE B 11 3.70 -10.82 -8.46
CA PHE B 11 2.47 -11.12 -9.20
C PHE B 11 2.33 -12.63 -9.36
N ILE B 12 1.12 -13.15 -9.11
CA ILE B 12 0.79 -14.55 -9.29
C ILE B 12 -0.47 -14.63 -10.14
N GLY B 13 -0.34 -15.31 -11.28
CA GLY B 13 -1.44 -15.51 -12.22
C GLY B 13 -1.72 -16.97 -12.42
N THR B 14 -2.98 -17.38 -12.27
CA THR B 14 -3.38 -18.77 -12.50
C THR B 14 -4.52 -18.79 -13.53
N TRP B 15 -4.40 -19.68 -14.53
CA TRP B 15 -5.39 -19.76 -15.60
C TRP B 15 -5.41 -21.12 -16.30
N ASN B 16 -6.57 -21.82 -16.22
CA ASN B 16 -6.78 -23.06 -16.97
C ASN B 16 -7.21 -22.60 -18.35
N MET B 17 -6.30 -22.72 -19.32
CA MET B 17 -6.44 -22.20 -20.68
C MET B 17 -7.40 -23.01 -21.60
N GLY B 18 -7.91 -24.14 -21.11
CA GLY B 18 -8.87 -24.98 -21.82
C GLY B 18 -8.43 -25.57 -23.14
N SER B 19 -7.12 -25.93 -23.24
CA SER B 19 -6.45 -26.55 -24.39
C SER B 19 -6.42 -25.68 -25.68
N VAL B 20 -6.64 -24.35 -25.55
CA VAL B 20 -6.60 -23.42 -26.71
C VAL B 20 -5.54 -22.31 -26.47
N PRO B 21 -4.95 -21.69 -27.52
CA PRO B 21 -3.96 -20.62 -27.29
C PRO B 21 -4.55 -19.36 -26.63
N PRO B 22 -3.75 -18.47 -26.00
CA PRO B 22 -4.34 -17.27 -25.39
C PRO B 22 -4.69 -16.20 -26.42
N PRO B 23 -5.60 -15.23 -26.13
CA PRO B 23 -5.89 -14.18 -27.12
C PRO B 23 -4.75 -13.16 -27.25
N LYS B 24 -4.86 -12.23 -28.21
CA LYS B 24 -3.85 -11.19 -28.44
C LYS B 24 -3.67 -10.29 -27.22
N ASN B 25 -4.78 -9.95 -26.54
CA ASN B 25 -4.77 -9.08 -25.36
C ASN B 25 -5.06 -9.86 -24.07
N VAL B 26 -4.04 -9.93 -23.19
CA VAL B 26 -4.08 -10.55 -21.87
C VAL B 26 -3.53 -9.54 -20.83
N THR B 27 -3.61 -8.24 -21.18
CA THR B 27 -3.15 -7.09 -20.40
C THR B 27 -3.89 -6.99 -19.06
N SER B 28 -5.22 -7.23 -19.05
CA SER B 28 -6.08 -7.18 -17.86
C SER B 28 -5.64 -8.19 -16.79
N TRP B 29 -5.07 -9.33 -17.22
CA TRP B 29 -4.54 -10.37 -16.33
C TRP B 29 -3.30 -9.85 -15.62
N PHE B 30 -2.36 -9.23 -16.37
CA PHE B 30 -1.11 -8.67 -15.85
C PHE B 30 -1.34 -7.43 -14.97
N THR B 31 -2.31 -6.57 -15.32
CA THR B 31 -2.60 -5.31 -14.62
C THR B 31 -3.62 -5.46 -13.49
N SER B 32 -4.09 -6.71 -13.23
CA SER B 32 -5.08 -7.06 -12.20
C SER B 32 -6.40 -6.27 -12.37
N LYS B 33 -6.95 -6.29 -13.60
CA LYS B 33 -8.19 -5.60 -13.94
C LYS B 33 -9.31 -6.60 -14.22
N GLY B 34 -10.49 -6.32 -13.69
CA GLY B 34 -11.67 -7.16 -13.86
C GLY B 34 -12.63 -7.09 -12.69
N LEU B 35 -12.88 -8.24 -12.04
CA LEU B 35 -13.79 -8.38 -10.92
C LEU B 35 -13.07 -8.84 -9.64
N GLY B 36 -13.58 -8.42 -8.49
CA GLY B 36 -13.02 -8.73 -7.18
C GLY B 36 -12.16 -7.60 -6.63
N LYS B 37 -11.06 -7.94 -5.93
CA LYS B 37 -10.11 -6.97 -5.41
C LYS B 37 -9.14 -6.64 -6.56
N THR B 38 -9.36 -5.49 -7.21
CA THR B 38 -8.60 -5.06 -8.40
C THR B 38 -7.76 -3.79 -8.15
N LEU B 39 -6.86 -3.48 -9.12
CA LEU B 39 -5.98 -2.30 -9.13
C LEU B 39 -6.45 -1.29 -10.19
N ASP B 40 -5.97 -0.02 -10.11
CA ASP B 40 -6.34 1.04 -11.04
C ASP B 40 -5.12 1.82 -11.57
N GLU B 41 -5.27 2.46 -12.74
CA GLU B 41 -4.25 3.26 -13.42
C GLU B 41 -4.17 4.66 -12.82
N THR B 45 0.57 2.33 -14.94
CA THR B 45 0.70 1.06 -14.22
C THR B 45 2.10 0.91 -13.63
N ILE B 46 2.19 0.34 -12.41
CA ILE B 46 3.47 0.12 -11.72
C ILE B 46 3.95 -1.31 -12.02
N PRO B 47 5.16 -1.47 -12.62
CA PRO B 47 5.66 -2.82 -12.94
C PRO B 47 6.05 -3.61 -11.68
N HIS B 48 5.61 -4.87 -11.60
CA HIS B 48 5.92 -5.76 -10.47
C HIS B 48 7.34 -6.28 -10.59
N ASP B 49 8.00 -6.52 -9.44
CA ASP B 49 9.37 -7.02 -9.38
C ASP B 49 9.48 -8.45 -9.90
N ILE B 50 8.55 -9.33 -9.47
CA ILE B 50 8.50 -10.74 -9.88
C ILE B 50 7.12 -11.06 -10.47
N TYR B 51 7.09 -11.69 -11.66
CA TYR B 51 5.89 -12.14 -12.34
C TYR B 51 5.89 -13.67 -12.38
N VAL B 52 4.87 -14.30 -11.75
CA VAL B 52 4.73 -15.76 -11.72
C VAL B 52 3.46 -16.14 -12.47
N PHE B 53 3.60 -16.97 -13.51
CA PHE B 53 2.49 -17.41 -14.35
C PHE B 53 2.28 -18.91 -14.25
N GLY B 54 1.17 -19.30 -13.64
CA GLY B 54 0.77 -20.68 -13.50
C GLY B 54 -0.36 -21.00 -14.44
N THR B 55 -0.20 -22.04 -15.28
CA THR B 55 -1.23 -22.40 -16.26
C THR B 55 -1.52 -23.89 -16.25
N GLN B 56 -2.77 -24.23 -16.60
CA GLN B 56 -3.29 -25.59 -16.73
C GLN B 56 -3.92 -25.70 -18.10
N GLU B 57 -3.85 -26.89 -18.72
CA GLU B 57 -4.36 -27.16 -20.07
C GLU B 57 -3.77 -26.13 -21.07
N ASN B 58 -2.46 -25.86 -20.92
CA ASN B 58 -1.70 -24.93 -21.77
C ASN B 58 -1.15 -25.71 -22.95
N SER B 59 -1.71 -25.45 -24.15
CA SER B 59 -1.35 -26.10 -25.40
C SER B 59 -0.12 -25.49 -26.08
N VAL B 60 0.27 -24.26 -25.67
CA VAL B 60 1.41 -23.53 -26.25
C VAL B 60 2.74 -24.13 -25.74
N GLY B 61 3.68 -24.29 -26.67
CA GLY B 61 5.02 -24.80 -26.40
C GLY B 61 5.78 -24.00 -25.36
N ASP B 62 6.63 -24.67 -24.57
CA ASP B 62 7.42 -24.11 -23.46
C ASP B 62 8.10 -22.76 -23.80
N ARG B 63 9.07 -22.72 -24.75
CA ARG B 63 9.77 -21.48 -25.09
C ARG B 63 8.90 -20.47 -25.83
N GLU B 64 7.87 -20.93 -26.57
CA GLU B 64 6.93 -20.07 -27.29
C GLU B 64 6.07 -19.30 -26.29
N TRP B 65 5.59 -19.99 -25.23
CA TRP B 65 4.77 -19.42 -24.16
C TRP B 65 5.61 -18.43 -23.33
N LEU B 66 6.92 -18.74 -23.13
CA LEU B 66 7.86 -17.88 -22.39
C LEU B 66 8.09 -16.57 -23.13
N ASP B 67 8.28 -16.63 -24.47
CA ASP B 67 8.48 -15.45 -25.32
C ASP B 67 7.19 -14.63 -25.40
N LEU B 68 6.03 -15.31 -25.33
CA LEU B 68 4.70 -14.70 -25.33
C LEU B 68 4.52 -13.86 -24.05
N LEU B 69 4.99 -14.39 -22.90
CA LEU B 69 4.94 -13.71 -21.60
C LEU B 69 5.95 -12.56 -21.56
N ARG B 70 7.20 -12.82 -22.01
CA ARG B 70 8.30 -11.85 -22.09
C ARG B 70 7.92 -10.67 -22.99
N GLY B 71 7.31 -10.99 -24.14
CA GLY B 71 6.82 -10.02 -25.10
C GLY B 71 5.66 -9.19 -24.58
N GLY B 72 4.75 -9.86 -23.86
CA GLY B 72 3.59 -9.25 -23.24
C GLY B 72 3.94 -8.26 -22.17
N LEU B 73 4.96 -8.59 -21.34
CA LEU B 73 5.45 -7.72 -20.27
C LEU B 73 6.26 -6.54 -20.83
N LYS B 74 6.92 -6.74 -22.00
CA LYS B 74 7.71 -5.72 -22.69
C LYS B 74 6.80 -4.59 -23.21
N GLU B 75 5.65 -4.94 -23.83
CA GLU B 75 4.69 -3.98 -24.36
C GLU B 75 4.03 -3.15 -23.24
N LEU B 76 3.82 -3.78 -22.07
CA LEU B 76 3.18 -3.15 -20.91
C LEU B 76 4.12 -2.26 -20.09
N THR B 77 5.36 -2.70 -19.83
CA THR B 77 6.30 -1.99 -18.95
C THR B 77 7.49 -1.32 -19.66
N ASP B 78 7.79 -1.68 -20.94
CA ASP B 78 8.93 -1.19 -21.74
C ASP B 78 10.25 -1.76 -21.18
N LEU B 79 10.14 -2.68 -20.20
CA LEU B 79 11.25 -3.38 -19.54
C LEU B 79 11.36 -4.79 -20.07
N ASP B 80 12.60 -5.29 -20.23
CA ASP B 80 12.85 -6.65 -20.69
C ASP B 80 13.01 -7.58 -19.49
N TYR B 81 11.92 -8.29 -19.14
CA TYR B 81 11.87 -9.21 -18.00
C TYR B 81 12.66 -10.47 -18.29
N ARG B 82 13.59 -10.82 -17.38
CA ARG B 82 14.47 -11.97 -17.50
C ARG B 82 13.82 -13.21 -16.86
N PRO B 83 13.63 -14.32 -17.63
CA PRO B 83 13.06 -15.53 -17.04
C PRO B 83 14.12 -16.23 -16.16
N ILE B 84 13.72 -16.68 -14.97
CA ILE B 84 14.65 -17.33 -14.05
C ILE B 84 14.34 -18.83 -13.91
N ALA B 85 13.10 -19.24 -14.26
CA ALA B 85 12.67 -20.64 -14.19
C ALA B 85 11.40 -20.92 -15.01
N MET B 86 11.27 -22.19 -15.43
CA MET B 86 10.15 -22.77 -16.14
C MET B 86 10.12 -24.28 -15.94
N GLN B 87 8.96 -24.82 -15.61
CA GLN B 87 8.75 -26.25 -15.41
C GLN B 87 7.39 -26.63 -15.99
N SER B 88 7.33 -27.80 -16.66
CA SER B 88 6.10 -28.27 -17.28
C SER B 88 5.89 -29.77 -17.07
N LEU B 89 4.63 -30.14 -16.83
CA LEU B 89 4.15 -31.51 -16.69
C LEU B 89 2.95 -31.61 -17.61
N TRP B 90 3.20 -32.06 -18.85
CA TRP B 90 2.26 -32.16 -19.97
C TRP B 90 1.78 -30.74 -20.31
N ASN B 91 0.53 -30.39 -19.93
CA ASN B 91 -0.03 -29.07 -20.22
C ASN B 91 -0.12 -28.18 -18.95
N ILE B 92 0.41 -28.67 -17.81
CA ILE B 92 0.50 -27.91 -16.56
C ILE B 92 1.86 -27.22 -16.59
N LYS B 93 1.88 -25.88 -16.73
CA LYS B 93 3.13 -25.13 -16.88
C LYS B 93 3.21 -23.88 -15.99
N VAL B 94 4.40 -23.64 -15.39
CA VAL B 94 4.67 -22.46 -14.57
C VAL B 94 5.93 -21.74 -15.14
N ALA B 95 5.97 -20.40 -15.01
CA ALA B 95 7.06 -19.56 -15.47
C ALA B 95 7.26 -18.37 -14.53
N VAL B 96 8.51 -18.10 -14.15
CA VAL B 96 8.86 -16.99 -13.26
C VAL B 96 9.75 -16.01 -14.02
N LEU B 97 9.32 -14.75 -14.10
CA LEU B 97 10.02 -13.67 -14.79
C LEU B 97 10.26 -12.52 -13.82
N VAL B 98 11.53 -12.10 -13.69
CA VAL B 98 11.95 -11.04 -12.76
C VAL B 98 12.54 -9.86 -13.56
N LYS B 99 12.53 -8.64 -12.96
CA LYS B 99 13.12 -7.42 -13.53
C LYS B 99 14.62 -7.62 -13.76
N PRO B 100 15.24 -7.02 -14.81
CA PRO B 100 16.67 -7.26 -15.07
C PRO B 100 17.61 -6.84 -13.93
N GLU B 101 17.20 -5.84 -13.11
CA GLU B 101 17.97 -5.32 -11.97
CA GLU B 101 18.00 -5.34 -11.99
C GLU B 101 18.05 -6.33 -10.82
N HIS B 102 17.08 -7.28 -10.74
CA HIS B 102 17.03 -8.27 -9.67
C HIS B 102 17.59 -9.66 -10.07
N GLU B 103 18.00 -9.84 -11.35
CA GLU B 103 18.52 -11.12 -11.85
C GLU B 103 19.75 -11.61 -11.07
N ASN B 104 20.64 -10.69 -10.66
CA ASN B 104 21.84 -11.01 -9.88
C ASN B 104 21.53 -11.21 -8.39
N ARG B 105 20.31 -10.85 -7.95
CA ARG B 105 19.85 -11.02 -6.57
C ARG B 105 19.20 -12.40 -6.37
N ILE B 106 18.96 -13.13 -7.48
CA ILE B 106 18.35 -14.46 -7.50
C ILE B 106 19.45 -15.54 -7.43
N SER B 107 19.28 -16.52 -6.53
CA SER B 107 20.17 -17.66 -6.34
C SER B 107 19.37 -18.90 -5.91
N HIS B 108 20.00 -20.10 -6.01
CA HIS B 108 19.46 -21.42 -5.63
C HIS B 108 18.11 -21.71 -6.33
N VAL B 109 18.06 -21.54 -7.66
CA VAL B 109 16.85 -21.79 -8.44
C VAL B 109 16.66 -23.30 -8.59
N SER B 110 15.49 -23.80 -8.17
CA SER B 110 15.14 -25.22 -8.23
C SER B 110 13.76 -25.41 -8.85
N THR B 111 13.58 -26.51 -9.60
CA THR B 111 12.32 -26.87 -10.27
C THR B 111 11.98 -28.34 -10.00
N SER B 112 10.67 -28.65 -9.92
CA SER B 112 10.18 -30.02 -9.68
C SER B 112 8.76 -30.22 -10.23
N SER B 113 8.36 -31.49 -10.42
CA SER B 113 7.05 -31.89 -10.91
C SER B 113 6.58 -33.17 -10.22
N VAL B 114 5.26 -33.28 -9.97
CA VAL B 114 4.64 -34.44 -9.30
C VAL B 114 3.39 -34.85 -10.08
N LYS B 115 3.27 -36.16 -10.38
CA LYS B 115 2.13 -36.75 -11.08
C LYS B 115 1.17 -37.33 -10.04
N THR B 116 -0.12 -36.97 -10.12
CA THR B 116 -1.14 -37.46 -9.18
C THR B 116 -2.14 -38.37 -9.89
N ASN B 124 -2.38 -34.36 -18.18
CA ASN B 124 -3.23 -35.02 -17.21
C ASN B 124 -3.30 -34.17 -15.92
N LYS B 125 -3.13 -34.79 -14.72
CA LYS B 125 -3.22 -34.10 -13.44
C LYS B 125 -1.92 -34.19 -12.66
N GLY B 126 -1.69 -33.19 -11.82
CA GLY B 126 -0.50 -33.11 -10.99
C GLY B 126 -0.11 -31.70 -10.63
N ALA B 127 1.20 -31.48 -10.40
CA ALA B 127 1.72 -30.17 -10.01
C ALA B 127 3.12 -29.91 -10.52
N VAL B 128 3.45 -28.61 -10.63
CA VAL B 128 4.74 -28.09 -11.07
CA VAL B 128 4.76 -28.09 -11.04
C VAL B 128 5.19 -27.01 -10.05
N GLY B 129 6.44 -27.09 -9.60
CA GLY B 129 6.97 -26.15 -8.62
C GLY B 129 8.26 -25.45 -8.98
N VAL B 130 8.45 -24.23 -8.42
CA VAL B 130 9.65 -23.40 -8.58
C VAL B 130 10.03 -22.79 -7.22
N SER B 131 11.30 -22.92 -6.83
CA SER B 131 11.85 -22.32 -5.60
C SER B 131 13.15 -21.60 -5.89
N PHE B 132 13.35 -20.43 -5.25
CA PHE B 132 14.54 -19.60 -5.41
C PHE B 132 14.74 -18.69 -4.19
N MET B 133 15.87 -17.97 -4.17
CA MET B 133 16.23 -17.05 -3.10
C MET B 133 16.35 -15.62 -3.63
N PHE B 134 15.61 -14.69 -3.02
CA PHE B 134 15.71 -13.26 -3.33
C PHE B 134 16.46 -12.65 -2.16
N ASN B 135 17.79 -12.49 -2.33
CA ASN B 135 18.75 -12.03 -1.31
C ASN B 135 18.79 -13.10 -0.20
N GLY B 136 18.31 -12.78 1.00
CA GLY B 136 18.27 -13.70 2.12
C GLY B 136 16.91 -14.32 2.39
N THR B 137 15.92 -14.05 1.52
CA THR B 137 14.55 -14.54 1.64
C THR B 137 14.29 -15.66 0.62
N SER B 138 13.74 -16.79 1.09
CA SER B 138 13.43 -17.94 0.24
C SER B 138 11.98 -17.89 -0.25
N PHE B 139 11.76 -18.35 -1.48
CA PHE B 139 10.44 -18.36 -2.11
C PHE B 139 10.10 -19.73 -2.67
N GLY B 140 8.82 -20.08 -2.61
CA GLY B 140 8.26 -21.32 -3.13
C GLY B 140 7.00 -21.04 -3.91
N PHE B 141 6.88 -21.64 -5.12
CA PHE B 141 5.73 -21.44 -6.00
C PHE B 141 5.24 -22.79 -6.52
N VAL B 142 3.99 -23.17 -6.20
CA VAL B 142 3.41 -24.44 -6.61
C VAL B 142 2.17 -24.19 -7.48
N ASN B 143 2.22 -24.67 -8.74
CA ASN B 143 1.13 -24.60 -9.72
C ASN B 143 0.57 -26.01 -9.90
N CYS B 144 -0.72 -26.21 -9.63
CA CYS B 144 -1.31 -27.54 -9.73
C CYS B 144 -2.61 -27.58 -10.53
N HIS B 145 -3.05 -28.82 -10.82
CA HIS B 145 -4.29 -29.18 -11.51
C HIS B 145 -4.76 -30.46 -10.82
N LEU B 146 -5.71 -30.33 -9.89
CA LEU B 146 -6.21 -31.46 -9.09
C LEU B 146 -7.39 -32.16 -9.76
N THR B 147 -7.79 -33.33 -9.21
CA THR B 147 -8.89 -34.20 -9.66
C THR B 147 -10.18 -33.39 -9.84
N SER B 148 -10.91 -33.64 -10.94
CA SER B 148 -12.16 -32.98 -11.27
C SER B 148 -13.36 -33.76 -10.71
N GLY B 149 -14.53 -33.12 -10.69
CA GLY B 149 -15.77 -33.72 -10.20
C GLY B 149 -16.24 -33.19 -8.87
N ASN B 150 -17.57 -33.06 -8.70
CA ASN B 150 -18.22 -32.57 -7.49
C ASN B 150 -18.05 -33.52 -6.28
N GLU B 151 -18.08 -34.84 -6.54
CA GLU B 151 -17.99 -35.88 -5.50
C GLU B 151 -16.55 -36.38 -5.27
N LYS B 152 -15.54 -35.70 -5.86
CA LYS B 152 -14.14 -36.13 -5.73
C LYS B 152 -13.32 -35.19 -4.82
N THR B 153 -13.89 -34.80 -3.66
CA THR B 153 -13.23 -33.93 -2.68
C THR B 153 -12.09 -34.69 -1.99
N ALA B 154 -12.33 -35.97 -1.62
CA ALA B 154 -11.35 -36.85 -0.95
C ALA B 154 -10.12 -37.09 -1.83
N ARG B 155 -10.31 -37.24 -3.16
CA ARG B 155 -9.21 -37.46 -4.11
C ARG B 155 -8.36 -36.20 -4.24
N ARG B 156 -9.00 -35.01 -4.27
CA ARG B 156 -8.34 -33.70 -4.33
C ARG B 156 -7.46 -33.47 -3.11
N ASN B 157 -7.96 -33.89 -1.92
CA ASN B 157 -7.26 -33.80 -0.65
C ASN B 157 -6.03 -34.71 -0.68
N GLN B 158 -6.18 -35.92 -1.25
CA GLN B 158 -5.12 -36.90 -1.41
C GLN B 158 -4.07 -36.39 -2.41
N ASN B 159 -4.51 -35.66 -3.47
CA ASN B 159 -3.61 -35.06 -4.46
C ASN B 159 -2.71 -34.04 -3.78
N TYR B 160 -3.31 -33.12 -2.98
CA TYR B 160 -2.60 -32.09 -2.21
C TYR B 160 -1.56 -32.72 -1.28
N LEU B 161 -1.95 -33.78 -0.55
CA LEU B 161 -1.08 -34.50 0.39
C LEU B 161 0.08 -35.17 -0.33
N ASP B 162 -0.16 -35.71 -1.54
CA ASP B 162 0.87 -36.36 -2.35
C ASP B 162 1.86 -35.33 -2.90
N ILE B 163 1.38 -34.15 -3.34
CA ILE B 163 2.25 -33.07 -3.86
C ILE B 163 3.11 -32.53 -2.70
N LEU B 164 2.50 -32.31 -1.53
CA LEU B 164 3.18 -31.81 -0.33
C LEU B 164 4.31 -32.76 0.14
N ARG B 165 4.17 -34.07 -0.14
CA ARG B 165 5.13 -35.11 0.26
C ARG B 165 6.17 -35.43 -0.83
N LEU B 166 5.71 -35.67 -2.09
CA LEU B 166 6.58 -36.09 -3.20
C LEU B 166 7.36 -34.96 -3.90
N LEU B 167 6.95 -33.68 -3.75
CA LEU B 167 7.63 -32.56 -4.41
C LEU B 167 8.97 -32.25 -3.75
N SER B 168 10.05 -32.32 -4.54
CA SER B 168 11.43 -32.05 -4.11
C SER B 168 11.81 -30.64 -4.57
N LEU B 169 11.39 -29.64 -3.79
CA LEU B 169 11.61 -28.22 -4.07
C LEU B 169 12.39 -27.52 -2.96
N ASP B 178 9.13 -31.69 4.63
CA ASP B 178 7.88 -31.17 4.09
C ASP B 178 8.09 -29.75 3.51
N ILE B 179 7.52 -29.49 2.32
CA ILE B 179 7.66 -28.21 1.60
C ILE B 179 6.89 -27.04 2.25
N SER B 180 5.93 -27.33 3.16
CA SER B 180 5.13 -26.29 3.84
C SER B 180 5.95 -25.46 4.86
N LEU B 181 7.14 -25.95 5.25
CA LEU B 181 8.01 -25.26 6.22
C LEU B 181 9.42 -24.98 5.65
N ARG B 182 9.65 -25.28 4.36
CA ARG B 182 10.95 -25.12 3.69
C ARG B 182 11.24 -23.68 3.22
N PHE B 183 10.19 -22.87 3.01
CA PHE B 183 10.38 -21.52 2.46
C PHE B 183 9.78 -20.42 3.33
N THR B 184 10.39 -19.22 3.27
CA THR B 184 9.96 -18.01 4.00
C THR B 184 8.56 -17.60 3.51
N HIS B 185 8.33 -17.69 2.18
CA HIS B 185 7.05 -17.37 1.55
C HIS B 185 6.72 -18.44 0.50
N LEU B 186 5.66 -19.22 0.75
CA LEU B 186 5.20 -20.28 -0.14
C LEU B 186 3.86 -19.93 -0.76
N PHE B 187 3.78 -19.95 -2.10
CA PHE B 187 2.56 -19.66 -2.83
C PHE B 187 2.06 -20.91 -3.53
N TRP B 188 0.81 -21.30 -3.24
CA TRP B 188 0.16 -22.46 -3.84
C TRP B 188 -1.02 -21.96 -4.65
N PHE B 189 -1.03 -22.28 -5.95
CA PHE B 189 -2.05 -21.82 -6.88
C PHE B 189 -2.30 -22.84 -7.99
N GLY B 190 -3.27 -22.54 -8.85
CA GLY B 190 -3.64 -23.39 -9.97
C GLY B 190 -5.10 -23.77 -9.99
N ASP B 191 -5.44 -24.80 -10.77
CA ASP B 191 -6.80 -25.32 -10.85
C ASP B 191 -6.96 -26.34 -9.72
N LEU B 192 -7.28 -25.86 -8.50
CA LEU B 192 -7.47 -26.70 -7.32
C LEU B 192 -8.69 -27.60 -7.49
N ASN B 193 -9.61 -27.20 -8.41
CA ASN B 193 -10.80 -27.91 -8.87
C ASN B 193 -11.86 -28.19 -7.78
N TYR B 194 -11.84 -27.46 -6.65
CA TYR B 194 -12.84 -27.62 -5.59
C TYR B 194 -14.15 -26.97 -6.03
N ARG B 195 -15.29 -27.61 -5.75
CA ARG B 195 -16.60 -27.14 -6.21
C ARG B 195 -17.52 -26.65 -5.08
N LEU B 196 -18.72 -26.14 -5.43
CA LEU B 196 -19.70 -25.65 -4.47
C LEU B 196 -20.70 -26.74 -4.11
N ASP B 197 -20.93 -26.95 -2.79
CA ASP B 197 -21.89 -27.94 -2.30
C ASP B 197 -23.27 -27.28 -2.19
N MET B 198 -23.87 -26.96 -3.35
CA MET B 198 -25.19 -26.30 -3.46
C MET B 198 -25.84 -26.62 -4.81
N ASP B 199 -27.19 -26.48 -4.89
CA ASP B 199 -27.98 -26.68 -6.11
C ASP B 199 -27.69 -25.53 -7.10
N ILE B 200 -27.80 -25.82 -8.40
CA ILE B 200 -27.52 -24.88 -9.49
C ILE B 200 -28.37 -23.58 -9.41
N GLN B 201 -29.69 -23.70 -9.18
CA GLN B 201 -30.62 -22.57 -9.13
C GLN B 201 -30.27 -21.55 -8.05
N GLU B 202 -29.93 -22.03 -6.84
CA GLU B 202 -29.56 -21.15 -5.72
C GLU B 202 -28.21 -20.49 -5.99
N ILE B 203 -27.26 -21.21 -6.64
CA ILE B 203 -25.94 -20.69 -7.01
C ILE B 203 -26.11 -19.53 -8.00
N LEU B 204 -26.90 -19.75 -9.08
CA LEU B 204 -27.16 -18.74 -10.12
C LEU B 204 -27.90 -17.51 -9.57
N ASN B 205 -28.78 -17.71 -8.56
CA ASN B 205 -29.52 -16.63 -7.92
C ASN B 205 -28.57 -15.72 -7.12
N TYR B 206 -27.64 -16.32 -6.34
CA TYR B 206 -26.67 -15.58 -5.54
C TYR B 206 -25.64 -14.85 -6.42
N ILE B 207 -25.31 -15.38 -7.62
CA ILE B 207 -24.37 -14.76 -8.56
C ILE B 207 -25.03 -13.51 -9.16
N SER B 208 -26.31 -13.60 -9.57
CA SER B 208 -27.09 -12.48 -10.14
C SER B 208 -27.30 -11.35 -9.12
N ARG B 209 -27.33 -11.70 -7.81
CA ARG B 209 -27.47 -10.75 -6.70
C ARG B 209 -26.09 -10.27 -6.24
N LYS B 210 -25.02 -10.98 -6.68
CA LYS B 210 -23.60 -10.74 -6.36
C LYS B 210 -23.34 -10.96 -4.85
N GLU B 211 -24.09 -11.93 -4.26
CA GLU B 211 -23.99 -12.34 -2.86
C GLU B 211 -23.17 -13.63 -2.81
N PHE B 212 -21.84 -13.49 -2.78
CA PHE B 212 -20.92 -14.63 -2.82
C PHE B 212 -20.70 -15.26 -1.44
N GLU B 213 -20.96 -14.53 -0.33
CA GLU B 213 -20.78 -15.01 1.04
C GLU B 213 -21.54 -16.36 1.29
N PRO B 214 -22.84 -16.55 0.96
CA PRO B 214 -23.48 -17.86 1.19
C PRO B 214 -22.89 -18.97 0.31
N LEU B 215 -22.34 -18.62 -0.87
CA LEU B 215 -21.70 -19.57 -1.78
C LEU B 215 -20.34 -19.99 -1.25
N LEU B 216 -19.58 -19.03 -0.70
CA LEU B 216 -18.25 -19.25 -0.13
C LEU B 216 -18.31 -20.15 1.11
N ARG B 217 -19.46 -20.15 1.83
CA ARG B 217 -19.66 -20.99 3.01
C ARG B 217 -19.77 -22.47 2.65
N VAL B 218 -20.21 -22.79 1.40
CA VAL B 218 -20.35 -24.17 0.91
C VAL B 218 -19.24 -24.54 -0.10
N ASP B 219 -18.20 -23.68 -0.25
CA ASP B 219 -17.06 -23.95 -1.13
C ASP B 219 -16.23 -25.09 -0.52
N GLN B 220 -16.01 -26.18 -1.29
CA GLN B 220 -15.28 -27.36 -0.81
C GLN B 220 -13.88 -27.07 -0.29
N LEU B 221 -13.15 -26.10 -0.90
CA LEU B 221 -11.81 -25.74 -0.43
C LEU B 221 -11.89 -25.08 0.94
N ASN B 222 -12.82 -24.11 1.13
CA ASN B 222 -13.04 -23.43 2.40
C ASN B 222 -13.45 -24.44 3.49
N LEU B 223 -14.33 -25.41 3.14
CA LEU B 223 -14.80 -26.45 4.05
C LEU B 223 -13.68 -27.41 4.47
N GLU B 224 -12.82 -27.83 3.51
CA GLU B 224 -11.71 -28.75 3.81
C GLU B 224 -10.59 -28.06 4.59
N ARG B 225 -10.42 -26.73 4.41
CA ARG B 225 -9.47 -25.93 5.18
C ARG B 225 -9.96 -25.76 6.61
N GLU B 226 -11.28 -25.52 6.79
CA GLU B 226 -11.94 -25.35 8.08
C GLU B 226 -11.89 -26.66 8.89
N LYS B 227 -11.97 -27.81 8.19
CA LYS B 227 -11.90 -29.16 8.77
C LYS B 227 -10.45 -29.54 9.16
N HIS B 228 -9.46 -28.69 8.78
CA HIS B 228 -8.01 -28.87 9.01
C HIS B 228 -7.51 -30.14 8.31
N LYS B 229 -8.01 -30.39 7.09
CA LYS B 229 -7.65 -31.55 6.26
C LYS B 229 -6.57 -31.20 5.24
N VAL B 230 -6.67 -29.99 4.63
CA VAL B 230 -5.74 -29.50 3.61
C VAL B 230 -5.33 -28.05 3.90
N PHE B 231 -4.24 -27.60 3.24
CA PHE B 231 -3.69 -26.24 3.29
C PHE B 231 -3.65 -25.68 4.72
N LEU B 232 -2.97 -26.41 5.63
CA LEU B 232 -2.85 -26.04 7.03
C LEU B 232 -2.02 -24.77 7.19
N ARG B 233 -2.58 -23.78 7.92
CA ARG B 233 -2.01 -22.46 8.24
C ARG B 233 -1.78 -21.59 6.99
N PHE B 234 -2.44 -21.94 5.88
CA PHE B 234 -2.40 -21.19 4.63
C PHE B 234 -3.40 -20.06 4.70
N SER B 235 -3.15 -18.99 3.94
CA SER B 235 -4.04 -17.83 3.87
C SER B 235 -4.53 -17.62 2.46
N GLU B 236 -5.77 -17.16 2.33
CA GLU B 236 -6.39 -16.81 1.05
C GLU B 236 -7.15 -15.51 1.25
N GLU B 237 -6.93 -14.55 0.31
CA GLU B 237 -7.60 -13.25 0.34
C GLU B 237 -9.11 -13.46 0.11
N GLU B 238 -9.94 -12.58 0.70
CA GLU B 238 -11.40 -12.60 0.60
C GLU B 238 -11.81 -12.55 -0.87
N ILE B 239 -12.66 -13.51 -1.29
CA ILE B 239 -13.15 -13.61 -2.66
C ILE B 239 -14.39 -12.72 -2.81
N SER B 240 -14.33 -11.76 -3.75
CA SER B 240 -15.42 -10.84 -4.07
C SER B 240 -15.67 -10.85 -5.60
N PHE B 241 -15.15 -11.90 -6.27
CA PHE B 241 -15.29 -12.12 -7.71
C PHE B 241 -16.16 -13.37 -7.96
N PRO B 242 -16.93 -13.43 -9.07
CA PRO B 242 -17.81 -14.60 -9.30
C PRO B 242 -17.05 -15.90 -9.63
N PRO B 243 -17.68 -17.10 -9.48
CA PRO B 243 -16.99 -18.36 -9.83
C PRO B 243 -16.38 -18.31 -11.24
N THR B 244 -15.14 -18.81 -11.36
CA THR B 244 -14.35 -18.76 -12.60
C THR B 244 -14.57 -19.98 -13.52
N TYR B 245 -15.43 -20.92 -13.12
CA TYR B 245 -15.76 -22.14 -13.87
C TYR B 245 -17.25 -22.44 -13.67
N ARG B 246 -18.00 -22.91 -14.69
CA ARG B 246 -17.60 -23.17 -16.08
C ARG B 246 -18.32 -22.19 -16.99
N TYR B 247 -17.56 -21.31 -17.66
CA TYR B 247 -18.11 -20.30 -18.57
C TYR B 247 -18.22 -20.82 -20.00
N GLU B 248 -19.16 -20.23 -20.76
CA GLU B 248 -19.30 -20.51 -22.19
C GLU B 248 -18.19 -19.72 -22.88
N ARG B 249 -17.50 -20.32 -23.86
CA ARG B 249 -16.40 -19.66 -24.56
C ARG B 249 -16.93 -18.58 -25.51
N GLY B 250 -16.30 -17.40 -25.46
CA GLY B 250 -16.68 -16.27 -26.31
C GLY B 250 -17.29 -15.09 -25.58
N SER B 251 -17.70 -15.29 -24.31
CA SER B 251 -18.31 -14.28 -23.43
C SER B 251 -18.20 -14.71 -21.95
N ARG B 252 -18.68 -13.88 -21.01
CA ARG B 252 -18.69 -14.17 -19.57
C ARG B 252 -20.10 -14.01 -18.96
N ASP B 253 -21.14 -13.85 -19.82
CA ASP B 253 -22.50 -13.64 -19.35
C ASP B 253 -23.30 -14.96 -19.19
N THR B 254 -22.69 -16.13 -19.48
CA THR B 254 -23.36 -17.42 -19.38
C THR B 254 -22.45 -18.50 -18.80
N TYR B 255 -22.99 -19.32 -17.87
CA TYR B 255 -22.30 -20.46 -17.29
C TYR B 255 -22.72 -21.74 -18.01
N ALA B 256 -21.73 -22.51 -18.52
CA ALA B 256 -21.96 -23.78 -19.20
C ALA B 256 -22.03 -24.90 -18.15
N TRP B 257 -23.15 -24.93 -17.41
CA TRP B 257 -23.36 -25.88 -16.31
C TRP B 257 -24.07 -27.18 -16.74
N HIS B 258 -24.74 -27.20 -17.91
CA HIS B 258 -25.47 -28.37 -18.39
C HIS B 258 -25.36 -28.50 -19.91
N LYS B 259 -24.24 -29.05 -20.40
CA LYS B 259 -24.00 -29.22 -21.84
C LYS B 259 -24.17 -30.69 -22.22
N GLN B 260 -25.06 -30.94 -23.19
CA GLN B 260 -25.33 -32.28 -23.71
C GLN B 260 -24.50 -32.49 -24.97
N LYS B 261 -23.52 -33.40 -24.88
CA LYS B 261 -22.58 -33.74 -25.96
C LYS B 261 -22.65 -35.24 -26.28
N PRO B 262 -22.21 -35.72 -27.48
CA PRO B 262 -22.21 -37.17 -27.74
C PRO B 262 -21.22 -37.91 -26.84
N THR B 263 -20.30 -37.16 -26.21
CA THR B 263 -19.28 -37.65 -25.26
C THR B 263 -19.85 -37.79 -23.84
N GLY B 264 -21.11 -37.40 -23.66
CA GLY B 264 -21.82 -37.46 -22.39
C GLY B 264 -22.42 -36.14 -21.95
N VAL B 265 -23.32 -36.19 -20.94
CA VAL B 265 -23.97 -35.00 -20.38
C VAL B 265 -23.07 -34.41 -19.29
N ARG B 266 -22.47 -33.24 -19.57
CA ARG B 266 -21.58 -32.54 -18.64
C ARG B 266 -22.41 -31.64 -17.71
N THR B 267 -22.54 -32.03 -16.43
CA THR B 267 -23.29 -31.30 -15.40
C THR B 267 -22.31 -30.77 -14.33
N ASN B 268 -21.94 -29.47 -14.43
CA ASN B 268 -20.97 -28.85 -13.51
C ASN B 268 -21.43 -27.48 -13.04
N VAL B 269 -21.81 -27.38 -11.75
CA VAL B 269 -22.28 -26.13 -11.10
C VAL B 269 -21.14 -25.08 -11.06
N PRO B 270 -21.44 -23.75 -11.19
CA PRO B 270 -20.38 -22.73 -11.13
C PRO B 270 -19.56 -22.85 -9.84
N SER B 271 -18.23 -22.87 -9.97
CA SER B 271 -17.32 -23.06 -8.83
C SER B 271 -16.06 -22.23 -8.92
N TRP B 272 -15.41 -22.01 -7.76
CA TRP B 272 -14.13 -21.31 -7.65
C TRP B 272 -13.01 -22.36 -7.72
N CYS B 273 -12.77 -22.88 -8.93
CA CYS B 273 -11.75 -23.91 -9.20
C CYS B 273 -10.33 -23.36 -9.14
N ASP B 274 -10.17 -22.09 -9.55
CA ASP B 274 -8.87 -21.42 -9.70
C ASP B 274 -8.60 -20.49 -8.52
N ARG B 275 -7.61 -20.86 -7.70
CA ARG B 275 -7.31 -20.14 -6.46
C ARG B 275 -5.83 -19.86 -6.26
N ILE B 276 -5.53 -18.85 -5.43
CA ILE B 276 -4.19 -18.46 -5.02
C ILE B 276 -4.19 -18.47 -3.48
N LEU B 277 -3.28 -19.25 -2.89
CA LEU B 277 -3.12 -19.36 -1.44
C LEU B 277 -1.66 -19.17 -1.07
N TRP B 278 -1.38 -18.64 0.13
CA TRP B 278 -0.01 -18.42 0.58
C TRP B 278 0.19 -18.79 2.05
N LYS B 279 1.39 -19.25 2.37
CA LYS B 279 1.84 -19.60 3.73
C LYS B 279 3.23 -19.00 3.93
N SER B 280 3.35 -18.11 4.93
CA SER B 280 4.60 -17.42 5.22
C SER B 280 5.09 -17.67 6.65
N TYR B 281 6.42 -17.53 6.87
CA TYR B 281 7.10 -17.66 8.15
C TYR B 281 6.58 -16.61 9.15
N PRO B 282 6.55 -16.86 10.49
CA PRO B 282 6.04 -15.83 11.41
C PRO B 282 6.92 -14.57 11.43
N GLU B 283 6.27 -13.41 11.61
CA GLU B 283 6.85 -12.06 11.68
C GLU B 283 7.46 -11.61 10.33
N THR B 284 6.88 -12.07 9.20
CA THR B 284 7.32 -11.68 7.86
C THR B 284 6.24 -10.80 7.22
N HIS B 285 6.64 -9.64 6.66
CA HIS B 285 5.72 -8.70 6.02
C HIS B 285 5.24 -9.22 4.67
N ILE B 286 3.92 -9.50 4.58
CA ILE B 286 3.25 -10.01 3.38
C ILE B 286 1.81 -9.46 3.36
N ILE B 287 1.51 -8.56 2.40
CA ILE B 287 0.20 -7.94 2.24
C ILE B 287 -0.30 -8.18 0.81
N CYS B 288 -1.56 -8.65 0.68
CA CYS B 288 -2.21 -8.90 -0.60
C CYS B 288 -2.87 -7.61 -1.09
N ASN B 289 -2.38 -7.05 -2.22
CA ASN B 289 -2.88 -5.81 -2.79
C ASN B 289 -4.07 -6.04 -3.72
N SER B 290 -4.11 -7.19 -4.42
CA SER B 290 -5.20 -7.55 -5.33
C SER B 290 -5.40 -9.06 -5.42
N TYR B 291 -6.65 -9.49 -5.65
CA TYR B 291 -7.07 -10.88 -5.81
C TYR B 291 -8.43 -10.90 -6.49
N GLY B 292 -8.45 -11.37 -7.72
CA GLY B 292 -9.67 -11.43 -8.51
C GLY B 292 -9.51 -12.12 -9.85
N CYS B 293 -10.50 -11.93 -10.74
CA CYS B 293 -10.51 -12.53 -12.06
C CYS B 293 -10.79 -11.48 -13.13
N THR B 294 -10.36 -11.74 -14.37
CA THR B 294 -10.62 -10.86 -15.50
C THR B 294 -12.03 -11.17 -16.04
N ASP B 295 -12.54 -10.34 -16.96
CA ASP B 295 -13.86 -10.53 -17.57
C ASP B 295 -13.84 -10.25 -19.09
N ASP B 296 -12.65 -10.02 -19.66
CA ASP B 296 -12.47 -9.74 -21.09
C ASP B 296 -11.75 -10.88 -21.84
N ILE B 297 -11.05 -11.78 -21.11
CA ILE B 297 -10.34 -12.94 -21.68
C ILE B 297 -11.37 -14.08 -21.71
N VAL B 298 -11.84 -14.43 -22.92
CA VAL B 298 -12.93 -15.39 -23.12
C VAL B 298 -12.56 -16.61 -24.01
N THR B 299 -11.26 -16.94 -24.10
CA THR B 299 -10.82 -18.08 -24.93
C THR B 299 -11.08 -19.42 -24.24
N SER B 300 -11.04 -19.44 -22.89
CA SER B 300 -11.22 -20.66 -22.08
C SER B 300 -12.56 -20.69 -21.34
N ASP B 301 -12.95 -21.90 -20.89
CA ASP B 301 -14.15 -22.13 -20.07
C ASP B 301 -13.87 -21.69 -18.61
N HIS B 302 -12.62 -21.26 -18.35
CA HIS B 302 -12.15 -20.71 -17.09
C HIS B 302 -11.75 -19.25 -17.27
N SER B 303 -11.88 -18.45 -16.22
CA SER B 303 -11.47 -17.05 -16.23
C SER B 303 -10.10 -16.93 -15.56
N PRO B 304 -9.12 -16.21 -16.15
CA PRO B 304 -7.80 -16.06 -15.50
C PRO B 304 -7.91 -15.36 -14.15
N VAL B 305 -7.20 -15.87 -13.14
CA VAL B 305 -7.18 -15.32 -11.78
C VAL B 305 -5.82 -14.69 -11.51
N PHE B 306 -5.84 -13.46 -10.95
CA PHE B 306 -4.64 -12.70 -10.60
C PHE B 306 -4.53 -12.53 -9.08
N GLY B 307 -3.31 -12.27 -8.61
CA GLY B 307 -3.00 -12.04 -7.21
C GLY B 307 -1.67 -11.32 -7.06
N THR B 308 -1.70 -10.08 -6.52
CA THR B 308 -0.49 -9.27 -6.30
C THR B 308 -0.21 -9.15 -4.81
N PHE B 309 1.08 -9.27 -4.44
CA PHE B 309 1.51 -9.24 -3.04
C PHE B 309 2.76 -8.41 -2.81
N GLU B 310 2.78 -7.61 -1.73
CA GLU B 310 3.93 -6.84 -1.30
C GLU B 310 4.64 -7.69 -0.26
N VAL B 311 5.81 -8.23 -0.62
CA VAL B 311 6.58 -9.16 0.22
C VAL B 311 7.86 -8.50 0.74
N GLY B 312 8.12 -8.67 2.03
CA GLY B 312 9.31 -8.17 2.71
C GLY B 312 10.51 -9.03 2.42
N VAL B 313 11.66 -8.40 2.11
CA VAL B 313 12.90 -9.10 1.79
C VAL B 313 14.05 -8.56 2.65
N THR B 314 14.89 -9.47 3.19
CA THR B 314 16.06 -9.15 4.01
C THR B 314 17.32 -9.34 3.15
N SER B 315 18.17 -8.31 3.09
CA SER B 315 19.42 -8.34 2.31
C SER B 315 20.57 -8.88 3.15
C1 B5F C . -15.92 -35.51 -13.79
C2 B5F C . -16.91 -36.53 -13.70
O2 B5F C . -16.53 -37.86 -13.79
P2 B5F C . -17.66 -39.03 -14.02
C3 B5F C . -18.24 -36.16 -13.42
C4 B5F C . -18.61 -34.83 -13.28
O4 B5F C . -19.93 -34.51 -13.09
P4 B5F C . -20.28 -33.94 -11.63
C5 B5F C . -17.64 -33.83 -13.43
C6 B5F C . -16.31 -34.16 -13.72
O6 B5F C . -15.35 -33.18 -13.74
P6 B5F C . -15.52 -31.94 -14.77
C1' B5F C . -14.59 -35.85 -14.10
C2' B5F C . -14.02 -35.43 -15.31
O21 B5F C . -16.78 -40.33 -14.34
O22 B5F C . -18.35 -39.33 -12.58
O23 B5F C . -18.64 -38.77 -15.10
C3' B5F C . -12.69 -35.73 -15.64
O3' B5F C . -12.16 -35.34 -16.84
P3' B5F C . -11.54 -33.83 -16.87
O31 B5F C . -10.68 -33.73 -18.23
O32 B5F C . -12.78 -32.84 -17.09
O33 B5F C . -10.72 -33.48 -15.68
C4' B5F C . -11.96 -36.56 -14.78
O41 B5F C . -19.78 -32.40 -11.61
O42 B5F C . -21.89 -33.87 -11.57
O43 B5F C . -19.71 -34.74 -10.53
C5' B5F C . -12.49 -36.99 -13.55
O5' B5F C . -11.85 -37.82 -12.66
P5' B5F C . -10.22 -37.77 -12.54
O51 B5F C . -9.61 -38.34 -13.93
O52 B5F C . -9.78 -36.22 -12.44
O53 B5F C . -9.75 -38.59 -11.39
C6' B5F C . -13.82 -36.64 -13.23
O61 B5F C . -16.36 -32.44 -16.05
O62 B5F C . -16.41 -30.86 -13.98
O63 B5F C . -14.22 -31.36 -15.15
#